data_3ET2
#
_entry.id   3ET2
#
_cell.length_a   39.402
_cell.length_b   94.353
_cell.length_c   97.183
_cell.angle_alpha   90.00
_cell.angle_beta   98.27
_cell.angle_gamma   90.00
#
_symmetry.space_group_name_H-M   'P 1 21 1'
#
loop_
_entity.id
_entity.type
_entity.pdbx_description
1 polymer 'Peroxisome proliferator-activated receptor delta'
2 non-polymer '3-{5-methoxy-1-[(4-methoxyphenyl)sulfonyl]-1H-indol-3-yl}propanoic acid'
3 non-polymer 1-BUTANOL
4 water water
#
_entity_poly.entity_id   1
_entity_poly.type   'polypeptide(L)'
_entity_poly.pdbx_seq_one_letter_code
;MKKGHHHHHHGSQYNPQVADLKAFSKHIYNAYLKNFNMTKKKARSILTGKASHTAPFVIHDIETLWQAEKGLVWKQLVNG
LPPYKEISVHVFYRCQCTTVETVRELTEFAKSIPSFSSLFLNDQVTLLKYGVHEAIFAMLASIVNKDGLLVANGSGFVTR
EFLRSLRKPFSDIIEPKFEFAVKFNALELDDSDLALFIAAIILCGDRPGLMNVPRVEAIQDTILRALEFHLQANHPDAQY
LFPKLLQKMADLRQLVTEHAQMMQRIKKTETETSLHPLLQEIYKDMY
;
_entity_poly.pdbx_strand_id   A,B
#
# COMPACT_ATOMS: atom_id res chain seq x y z
N VAL A 18 -23.77 17.25 -6.76
CA VAL A 18 -24.75 16.59 -5.89
C VAL A 18 -25.62 15.63 -6.72
N ALA A 19 -25.25 15.45 -7.98
CA ALA A 19 -25.96 14.54 -8.86
C ALA A 19 -24.99 13.52 -9.45
N ASP A 20 -23.74 13.95 -9.65
CA ASP A 20 -22.66 13.06 -10.09
C ASP A 20 -22.31 12.08 -8.98
N LEU A 21 -22.89 12.29 -7.79
CA LEU A 21 -22.83 11.30 -6.75
C LEU A 21 -23.28 9.99 -7.36
N LYS A 22 -24.27 10.07 -8.24
CA LYS A 22 -24.78 8.88 -8.91
C LYS A 22 -23.70 8.22 -9.78
N ALA A 23 -22.67 8.97 -10.14
CA ALA A 23 -21.57 8.43 -10.92
C ALA A 23 -20.55 7.79 -9.99
N PHE A 24 -20.16 8.53 -8.95
CA PHE A 24 -19.33 8.04 -7.86
C PHE A 24 -19.80 6.65 -7.41
N SER A 25 -21.09 6.53 -7.09
CA SER A 25 -21.67 5.25 -6.70
C SER A 25 -21.46 4.17 -7.74
N LYS A 26 -21.62 4.51 -9.00
CA LYS A 26 -21.55 3.50 -10.03
C LYS A 26 -20.12 3.01 -10.16
N HIS A 27 -19.16 3.93 -10.03
CA HIS A 27 -17.75 3.56 -10.04
C HIS A 27 -17.46 2.58 -8.91
N ILE A 28 -18.05 2.84 -7.74
CA ILE A 28 -17.89 1.97 -6.59
C ILE A 28 -18.58 0.61 -6.76
N TYR A 29 -19.80 0.59 -7.31
CA TYR A 29 -20.45 -0.67 -7.60
C TYR A 29 -19.57 -1.50 -8.54
N ASN A 30 -18.99 -0.83 -9.54
CA ASN A 30 -18.14 -1.50 -10.52
C ASN A 30 -16.88 -2.07 -9.89
N ALA A 31 -16.24 -1.30 -9.00
CA ALA A 31 -15.03 -1.78 -8.32
C ALA A 31 -15.40 -3.00 -7.47
N TYR A 32 -16.61 -2.96 -6.91
CA TYR A 32 -17.15 -4.07 -6.13
C TYR A 32 -17.37 -5.31 -7.02
N LEU A 33 -18.07 -5.14 -8.15
CA LEU A 33 -18.38 -6.26 -9.05
C LEU A 33 -17.13 -6.86 -9.67
N LYS A 34 -16.07 -6.07 -9.79
CA LYS A 34 -14.82 -6.56 -10.37
C LYS A 34 -13.94 -7.35 -9.40
N ASN A 35 -14.03 -7.05 -8.10
CA ASN A 35 -13.04 -7.58 -7.16
C ASN A 35 -13.51 -8.67 -6.21
N PHE A 36 -14.82 -8.78 -5.99
CA PHE A 36 -15.33 -9.78 -5.07
C PHE A 36 -15.77 -11.08 -5.76
N ASN A 37 -15.33 -12.18 -5.17
CA ASN A 37 -15.55 -13.50 -5.76
C ASN A 37 -17.01 -13.86 -5.70
N MET A 38 -17.69 -13.39 -4.66
CA MET A 38 -19.06 -13.82 -4.42
C MET A 38 -19.93 -12.60 -4.10
N THR A 39 -20.97 -12.39 -4.89
CA THR A 39 -21.91 -11.29 -4.65
C THR A 39 -23.06 -11.81 -3.79
N LYS A 40 -23.82 -10.91 -3.19
CA LYS A 40 -24.95 -11.33 -2.40
C LYS A 40 -26.01 -11.93 -3.31
N LYS A 41 -26.16 -11.34 -4.49
CA LYS A 41 -27.12 -11.82 -5.48
C LYS A 41 -26.90 -13.32 -5.80
N LYS A 42 -25.68 -13.67 -6.17
CA LYS A 42 -25.31 -15.08 -6.36
C LYS A 42 -25.52 -15.90 -5.08
N ALA A 43 -25.04 -15.39 -3.95
CA ALA A 43 -25.17 -16.09 -2.68
C ALA A 43 -26.64 -16.44 -2.39
N ARG A 44 -27.54 -15.49 -2.59
CA ARG A 44 -28.95 -15.70 -2.25
C ARG A 44 -29.63 -16.62 -3.26
N SER A 45 -29.22 -16.58 -4.51
CA SER A 45 -29.81 -17.50 -5.47
C SER A 45 -29.45 -18.93 -5.04
N ILE A 46 -28.25 -19.12 -4.51
CA ILE A 46 -27.83 -20.44 -4.05
C ILE A 46 -28.53 -20.88 -2.75
N LEU A 47 -28.53 -20.03 -1.75
CA LEU A 47 -29.17 -20.35 -0.48
C LEU A 47 -30.68 -20.59 -0.66
N THR A 48 -31.31 -19.88 -1.59
CA THR A 48 -32.74 -20.06 -1.83
C THR A 48 -32.99 -21.29 -2.71
N GLY A 49 -31.90 -21.98 -3.06
CA GLY A 49 -32.00 -23.27 -3.73
C GLY A 49 -32.36 -23.16 -5.19
N LYS A 50 -33.51 -22.58 -5.46
CA LYS A 50 -33.99 -22.41 -6.83
C LYS A 50 -33.16 -21.35 -7.57
N ALA A 51 -32.97 -21.59 -8.86
CA ALA A 51 -32.18 -20.74 -9.75
C ALA A 51 -30.87 -21.40 -10.20
N SER A 52 -30.27 -22.22 -9.33
CA SER A 52 -28.97 -22.81 -9.62
C SER A 52 -28.97 -24.33 -9.82
N HIS A 53 -30.09 -24.97 -9.49
CA HIS A 53 -30.29 -26.41 -9.71
C HIS A 53 -29.14 -27.33 -9.29
N THR A 54 -28.30 -26.86 -8.37
CA THR A 54 -27.20 -27.66 -7.83
C THR A 54 -26.97 -27.31 -6.36
N ALA A 55 -27.57 -28.08 -5.47
CA ALA A 55 -27.48 -27.77 -4.04
C ALA A 55 -26.04 -27.87 -3.53
N PRO A 56 -25.66 -26.93 -2.63
CA PRO A 56 -24.34 -26.99 -1.99
C PRO A 56 -24.26 -28.24 -1.12
N PHE A 57 -23.06 -28.79 -0.97
CA PHE A 57 -22.87 -29.93 -0.09
C PHE A 57 -22.98 -29.49 1.36
N VAL A 58 -23.89 -30.12 2.11
CA VAL A 58 -24.13 -29.71 3.49
C VAL A 58 -23.22 -30.39 4.50
N ILE A 59 -22.37 -29.58 5.13
CA ILE A 59 -21.43 -30.03 6.16
C ILE A 59 -21.99 -29.76 7.55
N HIS A 60 -22.30 -30.83 8.28
CA HIS A 60 -23.03 -30.70 9.55
C HIS A 60 -22.48 -31.63 10.66
N ASP A 61 -21.41 -32.35 10.33
CA ASP A 61 -20.71 -33.19 11.30
C ASP A 61 -19.34 -33.59 10.76
N ILE A 62 -18.56 -34.30 11.58
CA ILE A 62 -17.21 -34.73 11.25
C ILE A 62 -17.25 -35.50 9.95
N GLU A 63 -18.21 -36.42 9.84
CA GLU A 63 -18.31 -37.30 8.67
C GLU A 63 -18.52 -36.52 7.35
N THR A 64 -19.46 -35.57 7.33
CA THR A 64 -19.66 -34.74 6.14
C THR A 64 -18.53 -33.75 5.88
N LEU A 65 -17.89 -33.26 6.93
CA LEU A 65 -16.73 -32.37 6.76
C LEU A 65 -15.64 -33.13 6.06
N TRP A 66 -15.44 -34.38 6.46
CA TRP A 66 -14.46 -35.25 5.82
C TRP A 66 -14.86 -35.55 4.38
N GLN A 67 -16.12 -35.91 4.17
CA GLN A 67 -16.60 -36.12 2.81
C GLN A 67 -16.29 -34.89 1.96
N ALA A 68 -16.36 -33.71 2.58
CA ALA A 68 -16.18 -32.47 1.82
C ALA A 68 -14.71 -32.23 1.48
N GLU A 69 -13.80 -32.51 2.40
CA GLU A 69 -12.37 -32.49 2.09
C GLU A 69 -12.02 -33.57 1.09
N LYS A 70 -12.81 -34.64 1.07
CA LYS A 70 -12.50 -35.80 0.26
C LYS A 70 -12.95 -35.56 -1.18
N GLY A 71 -13.12 -34.28 -1.53
CA GLY A 71 -13.38 -33.91 -2.91
C GLY A 71 -14.76 -33.36 -3.21
N LEU A 72 -15.78 -33.88 -2.54
CA LEU A 72 -17.14 -33.40 -2.76
C LEU A 72 -17.25 -31.86 -2.78
N VAL A 73 -16.31 -31.16 -2.13
CA VAL A 73 -16.37 -29.70 -2.06
C VAL A 73 -14.99 -29.04 -2.28
N TRP A 74 -13.99 -29.58 -1.60
CA TRP A 74 -12.64 -29.05 -1.69
C TRP A 74 -11.74 -30.02 -2.46
N VAL A 78 -6.74 -30.61 1.57
CA VAL A 78 -5.98 -29.42 1.99
C VAL A 78 -6.18 -28.28 1.00
N ASN A 79 -5.61 -27.13 1.33
CA ASN A 79 -5.64 -25.94 0.48
C ASN A 79 -4.53 -25.01 0.96
N GLY A 80 -3.35 -25.61 1.20
CA GLY A 80 -2.22 -24.89 1.74
C GLY A 80 -2.48 -24.59 3.21
N LEU A 81 -3.21 -25.49 3.86
CA LEU A 81 -3.53 -25.29 5.27
C LEU A 81 -2.31 -25.67 6.11
N PRO A 82 -2.26 -25.18 7.35
CA PRO A 82 -1.15 -25.63 8.18
C PRO A 82 -1.39 -27.10 8.52
N PRO A 83 -0.38 -27.77 9.08
CA PRO A 83 -0.50 -29.20 9.42
C PRO A 83 -1.77 -29.49 10.22
N TYR A 84 -2.42 -30.62 9.95
CA TYR A 84 -3.62 -31.00 10.68
C TYR A 84 -3.35 -31.08 12.19
N LYS A 85 -4.36 -30.77 12.99
CA LYS A 85 -4.27 -30.89 14.45
C LYS A 85 -5.49 -31.62 15.00
N GLU A 86 -6.66 -31.28 14.48
CA GLU A 86 -7.92 -31.80 15.01
C GLU A 86 -9.07 -31.05 14.37
N ILE A 87 -10.27 -31.63 14.43
CA ILE A 87 -11.41 -31.06 13.71
C ILE A 87 -11.66 -29.56 13.95
N SER A 88 -11.75 -29.16 15.20
CA SER A 88 -12.06 -27.77 15.56
C SER A 88 -11.04 -26.79 14.97
N VAL A 89 -9.76 -27.14 15.06
CA VAL A 89 -8.68 -26.37 14.44
C VAL A 89 -8.74 -26.40 12.91
N HIS A 90 -9.01 -27.57 12.33
CA HIS A 90 -9.13 -27.65 10.87
C HIS A 90 -10.16 -26.65 10.33
N VAL A 91 -11.31 -26.57 10.98
CA VAL A 91 -12.35 -25.64 10.57
C VAL A 91 -11.84 -24.20 10.74
N PHE A 92 -11.22 -23.93 11.88
CA PHE A 92 -10.57 -22.64 12.13
C PHE A 92 -9.64 -22.26 10.96
N TYR A 93 -8.75 -23.18 10.60
CA TYR A 93 -7.86 -22.95 9.46
C TYR A 93 -8.64 -22.64 8.17
N ARG A 94 -9.75 -23.33 7.92
CA ARG A 94 -10.55 -23.04 6.72
C ARG A 94 -11.05 -21.60 6.77
N CYS A 95 -11.59 -21.19 7.91
CA CYS A 95 -12.11 -19.82 8.05
C CYS A 95 -10.97 -18.81 7.91
N GLN A 96 -9.88 -19.03 8.62
CA GLN A 96 -8.70 -18.17 8.56
C GLN A 96 -8.20 -17.94 7.13
N CYS A 97 -8.10 -19.02 6.36
CA CYS A 97 -7.67 -18.95 4.95
C CYS A 97 -8.68 -18.13 4.11
N THR A 98 -9.96 -18.32 4.34
CA THR A 98 -10.94 -17.50 3.65
C THR A 98 -10.84 -16.02 4.04
N THR A 99 -10.69 -15.78 5.33
CA THR A 99 -10.51 -14.43 5.84
C THR A 99 -9.37 -13.70 5.11
N VAL A 100 -8.22 -14.36 5.03
CA VAL A 100 -7.05 -13.79 4.37
C VAL A 100 -7.33 -13.48 2.88
N GLU A 101 -8.02 -14.37 2.19
CA GLU A 101 -8.37 -14.14 0.78
C GLU A 101 -9.37 -12.95 0.62
N THR A 102 -10.23 -12.75 1.60
CA THR A 102 -11.15 -11.63 1.57
C THR A 102 -10.44 -10.31 1.89
N VAL A 103 -9.41 -10.38 2.71
CA VAL A 103 -8.56 -9.24 2.97
C VAL A 103 -7.93 -8.80 1.65
N ARG A 104 -7.52 -9.80 0.87
CA ARG A 104 -6.87 -9.58 -0.42
C ARG A 104 -7.85 -8.95 -1.43
N GLU A 105 -9.08 -9.44 -1.47
CA GLU A 105 -10.12 -8.83 -2.34
C GLU A 105 -10.48 -7.40 -1.93
N LEU A 106 -10.59 -7.18 -0.63
CA LEU A 106 -10.90 -5.86 -0.08
C LEU A 106 -9.78 -4.89 -0.43
N THR A 107 -8.55 -5.36 -0.33
CA THR A 107 -7.38 -4.58 -0.73
C THR A 107 -7.50 -4.15 -2.20
N GLU A 108 -7.89 -5.06 -3.07
CA GLU A 108 -8.06 -4.71 -4.48
C GLU A 108 -9.27 -3.81 -4.70
N PHE A 109 -10.33 -4.04 -3.95
CA PHE A 109 -11.52 -3.21 -4.06
C PHE A 109 -11.18 -1.75 -3.74
N ALA A 110 -10.59 -1.53 -2.58
CA ALA A 110 -10.16 -0.21 -2.14
C ALA A 110 -9.25 0.46 -3.16
N LYS A 111 -8.28 -0.31 -3.69
CA LYS A 111 -7.34 0.22 -4.67
C LYS A 111 -8.03 0.66 -5.96
N SER A 112 -9.15 0.01 -6.29
CA SER A 112 -9.98 0.36 -7.44
C SER A 112 -10.86 1.58 -7.15
N ILE A 113 -10.66 2.21 -6.00
CA ILE A 113 -11.29 3.48 -5.70
C ILE A 113 -10.24 4.61 -5.83
N PRO A 114 -10.36 5.46 -6.87
CA PRO A 114 -9.25 6.38 -7.22
C PRO A 114 -8.75 7.19 -6.03
N SER A 115 -9.67 7.81 -5.29
CA SER A 115 -9.33 8.57 -4.09
C SER A 115 -8.48 7.77 -3.10
N PHE A 116 -8.93 6.57 -2.74
CA PHE A 116 -8.13 5.70 -1.89
C PHE A 116 -6.69 5.52 -2.41
N SER A 117 -6.56 5.29 -3.72
CA SER A 117 -5.25 5.04 -4.32
C SER A 117 -4.33 6.24 -4.33
N SER A 118 -4.88 7.44 -4.14
CA SER A 118 -4.07 8.64 -4.11
C SER A 118 -3.42 8.84 -2.74
N LEU A 119 -3.96 8.21 -1.70
CA LEU A 119 -3.40 8.27 -0.35
C LEU A 119 -2.03 7.61 -0.34
N PHE A 120 -1.16 8.03 0.55
CA PHE A 120 0.13 7.33 0.63
C PHE A 120 -0.06 5.93 1.18
N LEU A 121 0.79 5.01 0.75
CA LEU A 121 0.67 3.60 1.12
C LEU A 121 0.53 3.33 2.62
N ASN A 122 1.08 4.21 3.46
CA ASN A 122 0.98 4.01 4.91
C ASN A 122 -0.45 4.33 5.41
N ASP A 123 -1.11 5.30 4.80
CA ASP A 123 -2.51 5.56 5.10
C ASP A 123 -3.43 4.45 4.57
N GLN A 124 -3.14 3.94 3.39
CA GLN A 124 -3.84 2.77 2.83
C GLN A 124 -3.80 1.57 3.77
N VAL A 125 -2.62 1.27 4.29
CA VAL A 125 -2.45 0.16 5.22
C VAL A 125 -3.22 0.41 6.50
N THR A 126 -3.17 1.65 7.00
CA THR A 126 -3.88 1.96 8.24
C THR A 126 -5.39 1.72 8.09
N LEU A 127 -5.95 2.20 7.00
CA LEU A 127 -7.36 2.03 6.73
C LEU A 127 -7.73 0.54 6.57
N LEU A 128 -6.93 -0.21 5.81
CA LEU A 128 -7.20 -1.66 5.65
C LEU A 128 -7.06 -2.40 6.98
N LYS A 129 -5.99 -2.09 7.71
CA LYS A 129 -5.75 -2.71 9.01
C LYS A 129 -6.97 -2.63 9.91
N TYR A 130 -7.57 -1.45 9.98
CA TYR A 130 -8.64 -1.21 10.95
C TYR A 130 -10.02 -1.43 10.36
N GLY A 131 -10.11 -1.57 9.04
CA GLY A 131 -11.41 -1.70 8.39
C GLY A 131 -11.80 -3.08 7.86
N VAL A 132 -10.83 -3.96 7.59
CA VAL A 132 -11.13 -5.19 6.84
C VAL A 132 -12.05 -6.16 7.59
N HIS A 133 -11.80 -6.31 8.88
CA HIS A 133 -12.68 -7.17 9.67
C HIS A 133 -14.11 -6.62 9.73
N GLU A 134 -14.26 -5.31 9.91
CA GLU A 134 -15.59 -4.71 9.88
C GLU A 134 -16.23 -5.05 8.54
N ALA A 135 -15.52 -4.78 7.45
CA ALA A 135 -16.04 -5.06 6.13
C ALA A 135 -16.35 -6.57 5.98
N ILE A 136 -15.44 -7.40 6.47
CA ILE A 136 -15.60 -8.87 6.32
C ILE A 136 -16.88 -9.32 7.04
N PHE A 137 -17.09 -8.83 8.25
CA PHE A 137 -18.28 -9.25 8.97
C PHE A 137 -19.53 -8.78 8.26
N ALA A 138 -19.47 -7.62 7.60
CA ALA A 138 -20.66 -7.12 6.90
C ALA A 138 -20.97 -8.00 5.69
N MET A 139 -19.93 -8.42 4.98
CA MET A 139 -20.10 -9.29 3.81
C MET A 139 -20.44 -10.74 4.16
N LEU A 140 -20.02 -11.19 5.33
CA LEU A 140 -20.42 -12.52 5.79
C LEU A 140 -21.94 -12.62 5.77
N ALA A 141 -22.60 -11.52 6.08
CA ALA A 141 -24.06 -11.53 6.17
C ALA A 141 -24.64 -12.00 4.84
N SER A 142 -24.00 -11.57 3.76
CA SER A 142 -24.45 -11.91 2.43
C SER A 142 -24.54 -13.46 2.20
N ILE A 143 -23.64 -14.22 2.81
CA ILE A 143 -23.56 -15.67 2.53
C ILE A 143 -24.08 -16.54 3.69
N VAL A 144 -24.87 -15.91 4.55
CA VAL A 144 -25.32 -16.49 5.79
C VAL A 144 -26.84 -16.50 5.82
N ASN A 145 -27.41 -17.54 6.42
CA ASN A 145 -28.79 -17.48 6.92
C ASN A 145 -28.80 -17.99 8.34
N LYS A 146 -29.98 -18.04 8.94
CA LYS A 146 -30.04 -18.40 10.34
C LYS A 146 -29.51 -19.83 10.61
N ASP A 147 -29.41 -20.66 9.58
CA ASP A 147 -29.04 -22.07 9.76
C ASP A 147 -27.59 -22.40 9.46
N GLY A 148 -26.91 -21.54 8.69
CA GLY A 148 -25.52 -21.78 8.35
C GLY A 148 -24.95 -20.81 7.34
N LEU A 149 -23.80 -21.16 6.78
CA LEU A 149 -23.21 -20.28 5.78
C LEU A 149 -22.54 -21.00 4.61
N LEU A 150 -22.46 -20.30 3.48
CA LEU A 150 -21.85 -20.83 2.26
C LEU A 150 -20.35 -20.79 2.40
N VAL A 151 -19.71 -21.90 2.03
CA VAL A 151 -18.24 -21.98 1.96
C VAL A 151 -17.83 -22.51 0.60
N ALA A 152 -16.52 -22.50 0.34
CA ALA A 152 -16.00 -23.04 -0.91
C ALA A 152 -16.83 -22.50 -2.07
N ASN A 153 -16.78 -21.19 -2.22
CA ASN A 153 -17.32 -20.56 -3.41
C ASN A 153 -18.77 -20.96 -3.72
N GLY A 154 -19.59 -21.12 -2.69
CA GLY A 154 -20.96 -21.51 -2.89
C GLY A 154 -21.19 -23.02 -2.96
N SER A 155 -20.12 -23.79 -3.12
CA SER A 155 -20.33 -25.23 -3.34
C SER A 155 -20.57 -26.02 -2.05
N GLY A 156 -20.42 -25.34 -0.91
CA GLY A 156 -20.62 -25.95 0.39
C GLY A 156 -21.49 -25.09 1.31
N PHE A 157 -22.12 -25.75 2.28
CA PHE A 157 -22.93 -25.06 3.29
C PHE A 157 -22.58 -25.70 4.63
N VAL A 158 -21.98 -24.91 5.51
CA VAL A 158 -21.62 -25.36 6.84
C VAL A 158 -22.69 -24.86 7.80
N THR A 159 -23.24 -25.77 8.60
CA THR A 159 -24.34 -25.42 9.49
C THR A 159 -23.84 -24.74 10.72
N ARG A 160 -24.70 -23.89 11.28
CA ARG A 160 -24.40 -23.11 12.45
C ARG A 160 -24.35 -24.03 13.67
N GLU A 161 -25.15 -25.09 13.63
CA GLU A 161 -25.17 -26.08 14.70
C GLU A 161 -23.82 -26.79 14.81
N PHE A 162 -23.30 -27.27 13.68
CA PHE A 162 -21.95 -27.83 13.64
C PHE A 162 -20.87 -26.91 14.20
N LEU A 163 -20.80 -25.67 13.71
CA LEU A 163 -19.80 -24.74 14.19
C LEU A 163 -19.92 -24.56 15.71
N ARG A 164 -21.16 -24.49 16.22
CA ARG A 164 -21.38 -24.40 17.67
C ARG A 164 -20.94 -25.66 18.42
N SER A 165 -20.80 -26.77 17.71
CA SER A 165 -20.50 -28.05 18.34
C SER A 165 -19.00 -28.32 18.45
N LEU A 166 -18.20 -27.38 17.99
CA LEU A 166 -16.76 -27.51 18.04
C LEU A 166 -16.20 -27.23 19.44
N ARG A 167 -14.98 -27.67 19.68
CA ARG A 167 -14.25 -27.38 20.92
C ARG A 167 -14.19 -25.88 21.17
N LYS A 168 -14.54 -25.46 22.38
CA LYS A 168 -14.19 -24.12 22.85
C LYS A 168 -12.68 -24.00 22.79
N PRO A 169 -12.15 -22.84 22.37
CA PRO A 169 -12.78 -21.55 22.10
C PRO A 169 -13.36 -21.41 20.69
N PHE A 170 -13.11 -22.38 19.83
CA PHE A 170 -13.39 -22.21 18.41
C PHE A 170 -14.86 -22.14 18.09
N SER A 171 -15.68 -22.73 18.94
CA SER A 171 -17.11 -22.72 18.73
C SER A 171 -17.76 -21.41 19.15
N ASP A 172 -16.95 -20.44 19.59
CA ASP A 172 -17.50 -19.17 20.03
C ASP A 172 -17.20 -18.06 19.05
N ILE A 173 -16.32 -18.32 18.08
CA ILE A 173 -15.84 -17.25 17.23
C ILE A 173 -16.92 -16.69 16.31
N ILE A 174 -17.67 -17.58 15.67
CA ILE A 174 -18.55 -17.15 14.59
C ILE A 174 -19.96 -16.79 15.05
N GLU A 175 -20.36 -17.31 16.20
CA GLU A 175 -21.71 -17.07 16.73
C GLU A 175 -22.14 -15.59 16.72
N PRO A 176 -21.32 -14.67 17.25
CA PRO A 176 -21.78 -13.27 17.30
C PRO A 176 -21.99 -12.72 15.89
N LYS A 177 -21.29 -13.30 14.92
CA LYS A 177 -21.40 -12.83 13.55
C LYS A 177 -22.70 -13.24 12.87
N PHE A 178 -23.17 -14.44 13.20
CA PHE A 178 -24.49 -14.86 12.79
C PHE A 178 -25.54 -13.92 13.37
N GLU A 179 -25.40 -13.62 14.66
CA GLU A 179 -26.35 -12.78 15.33
C GLU A 179 -26.43 -11.41 14.64
N PHE A 180 -25.27 -10.82 14.33
CA PHE A 180 -25.23 -9.56 13.57
C PHE A 180 -25.89 -9.73 12.21
N ALA A 181 -25.54 -10.82 11.52
CA ALA A 181 -25.92 -11.05 10.13
C ALA A 181 -27.42 -11.23 9.95
N VAL A 182 -28.05 -11.90 10.89
CA VAL A 182 -29.49 -12.14 10.75
C VAL A 182 -30.25 -10.83 10.87
N LYS A 183 -29.83 -9.96 11.78
CA LYS A 183 -30.43 -8.65 11.89
C LYS A 183 -30.06 -7.81 10.66
N PHE A 184 -28.80 -7.91 10.24
CA PHE A 184 -28.36 -7.11 9.12
C PHE A 184 -29.15 -7.42 7.84
N ASN A 185 -29.34 -8.71 7.56
CA ASN A 185 -30.02 -9.16 6.34
C ASN A 185 -31.49 -8.76 6.31
N ALA A 186 -32.04 -8.48 7.49
CA ALA A 186 -33.41 -8.00 7.60
C ALA A 186 -33.62 -6.69 6.84
N LEU A 187 -32.55 -5.92 6.66
CA LEU A 187 -32.61 -4.61 5.99
C LEU A 187 -32.70 -4.78 4.47
N GLU A 188 -32.40 -5.98 3.99
CA GLU A 188 -32.52 -6.30 2.58
C GLU A 188 -31.71 -5.38 1.66
N LEU A 189 -30.48 -5.07 2.07
CA LEU A 189 -29.52 -4.42 1.21
C LEU A 189 -29.16 -5.32 0.01
N ASP A 190 -28.90 -4.70 -1.14
CA ASP A 190 -28.40 -5.40 -2.31
C ASP A 190 -26.95 -4.99 -2.56
N ASP A 191 -26.31 -5.59 -3.56
CA ASP A 191 -24.89 -5.39 -3.81
C ASP A 191 -24.55 -3.94 -4.06
N SER A 192 -25.43 -3.22 -4.74
CA SER A 192 -25.13 -1.82 -5.06
C SER A 192 -25.11 -0.99 -3.77
N ASP A 193 -25.95 -1.35 -2.81
CA ASP A 193 -25.95 -0.72 -1.48
C ASP A 193 -24.70 -1.10 -0.72
N LEU A 194 -24.37 -2.38 -0.79
CA LEU A 194 -23.21 -2.90 -0.07
C LEU A 194 -21.91 -2.30 -0.59
N ALA A 195 -21.79 -2.08 -1.90
CA ALA A 195 -20.54 -1.52 -2.39
C ALA A 195 -20.23 -0.20 -1.70
N LEU A 196 -21.25 0.64 -1.52
CA LEU A 196 -21.06 1.95 -0.86
C LEU A 196 -20.86 1.83 0.65
N PHE A 197 -21.57 0.88 1.24
CA PHE A 197 -21.46 0.58 2.69
C PHE A 197 -20.05 0.07 3.03
N ILE A 198 -19.51 -0.88 2.25
CA ILE A 198 -18.12 -1.27 2.47
C ILE A 198 -17.10 -0.12 2.23
N ALA A 199 -17.31 0.67 1.18
CA ALA A 199 -16.40 1.80 0.93
C ALA A 199 -16.34 2.70 2.14
N ALA A 200 -17.50 2.95 2.75
CA ALA A 200 -17.61 3.90 3.87
C ALA A 200 -16.89 3.34 5.08
N ILE A 201 -16.99 2.01 5.27
CA ILE A 201 -16.20 1.33 6.29
C ILE A 201 -14.68 1.47 6.03
N ILE A 202 -14.22 1.20 4.81
CA ILE A 202 -12.76 1.31 4.57
C ILE A 202 -12.30 2.76 4.78
N LEU A 203 -12.99 3.69 4.12
CA LEU A 203 -12.62 5.11 4.14
C LEU A 203 -13.12 5.81 5.39
N CYS A 204 -12.49 5.50 6.53
CA CYS A 204 -12.87 6.03 7.83
C CYS A 204 -11.78 6.96 8.42
N GLY A 205 -12.17 8.18 8.74
CA GLY A 205 -11.21 9.18 9.17
C GLY A 205 -10.82 9.09 10.63
N ASP A 206 -11.41 8.13 11.34
CA ASP A 206 -11.20 7.94 12.77
C ASP A 206 -10.10 6.93 13.09
N ARG A 207 -9.53 6.26 12.09
CA ARG A 207 -8.63 5.16 12.41
C ARG A 207 -7.34 5.69 13.05
N PRO A 208 -6.90 5.04 14.13
CA PRO A 208 -5.71 5.48 14.87
C PRO A 208 -4.47 5.57 13.97
N GLY A 209 -3.79 6.70 14.00
CA GLY A 209 -2.52 6.83 13.30
C GLY A 209 -2.62 7.20 11.84
N LEU A 210 -3.77 7.69 11.39
CA LEU A 210 -3.87 8.20 10.02
C LEU A 210 -3.00 9.43 9.87
N MET A 211 -2.42 9.60 8.70
CA MET A 211 -1.55 10.74 8.45
C MET A 211 -2.36 11.90 7.86
N ASN A 212 -2.94 11.69 6.69
CA ASN A 212 -3.76 12.71 6.05
C ASN A 212 -5.25 12.53 6.40
N VAL A 213 -5.58 12.77 7.67
CA VAL A 213 -6.94 12.70 8.18
C VAL A 213 -7.96 13.59 7.46
N PRO A 214 -7.58 14.82 7.09
CA PRO A 214 -8.56 15.65 6.39
C PRO A 214 -8.96 15.05 5.05
N ARG A 215 -7.98 14.51 4.33
CA ARG A 215 -8.22 13.89 3.03
C ARG A 215 -9.21 12.73 3.11
N VAL A 216 -8.99 11.84 4.08
CA VAL A 216 -9.83 10.68 4.28
C VAL A 216 -11.24 11.08 4.75
N GLU A 217 -11.29 12.01 5.70
CA GLU A 217 -12.59 12.53 6.11
C GLU A 217 -13.32 13.06 4.89
N ALA A 218 -12.61 13.76 4.04
CA ALA A 218 -13.25 14.36 2.87
C ALA A 218 -13.85 13.27 1.99
N ILE A 219 -13.05 12.25 1.69
CA ILE A 219 -13.54 11.12 0.92
C ILE A 219 -14.66 10.39 1.63
N GLN A 220 -14.52 10.19 2.95
CA GLN A 220 -15.58 9.51 3.67
C GLN A 220 -16.92 10.20 3.45
N ASP A 221 -16.93 11.53 3.58
CA ASP A 221 -18.14 12.34 3.49
C ASP A 221 -18.87 12.20 2.16
N THR A 222 -18.12 12.29 1.06
CA THR A 222 -18.69 12.03 -0.26
C THR A 222 -19.39 10.68 -0.27
N ILE A 223 -18.67 9.64 0.18
CA ILE A 223 -19.24 8.30 0.17
C ILE A 223 -20.55 8.25 0.94
N LEU A 224 -20.56 8.85 2.13
CA LEU A 224 -21.80 8.85 2.94
C LEU A 224 -22.97 9.60 2.28
N ARG A 225 -22.67 10.72 1.63
CA ARG A 225 -23.71 11.44 0.92
C ARG A 225 -24.16 10.62 -0.29
N ALA A 226 -23.20 10.00 -0.96
CA ALA A 226 -23.56 9.10 -2.07
C ALA A 226 -24.47 7.97 -1.59
N LEU A 227 -24.23 7.49 -0.38
CA LEU A 227 -24.96 6.34 0.15
C LEU A 227 -26.39 6.72 0.48
N GLU A 228 -26.58 7.92 1.00
CA GLU A 228 -27.92 8.36 1.34
C GLU A 228 -28.71 8.65 0.06
N PHE A 229 -28.07 9.33 -0.88
CA PHE A 229 -28.72 9.53 -2.16
C PHE A 229 -29.09 8.16 -2.76
N HIS A 230 -28.12 7.24 -2.82
CA HIS A 230 -28.37 5.91 -3.36
C HIS A 230 -29.55 5.22 -2.69
N LEU A 231 -29.53 5.16 -1.36
CA LEU A 231 -30.64 4.55 -0.61
C LEU A 231 -32.01 5.16 -0.88
N GLN A 232 -32.08 6.47 -1.17
CA GLN A 232 -33.36 7.12 -1.53
C GLN A 232 -33.91 6.60 -2.84
N ALA A 233 -33.04 6.56 -3.85
CA ALA A 233 -33.41 6.00 -5.12
C ALA A 233 -33.75 4.51 -4.96
N ASN A 234 -32.82 3.75 -4.39
CA ASN A 234 -32.95 2.28 -4.35
C ASN A 234 -33.98 1.74 -3.34
N HIS A 235 -34.13 2.39 -2.18
CA HIS A 235 -35.13 1.98 -1.19
C HIS A 235 -36.04 3.15 -0.80
N PRO A 236 -36.93 3.57 -1.72
CA PRO A 236 -37.75 4.76 -1.57
C PRO A 236 -38.66 4.66 -0.35
N ASP A 237 -39.15 3.45 -0.10
CA ASP A 237 -40.17 3.24 0.91
C ASP A 237 -39.54 2.98 2.27
N ALA A 238 -38.24 2.68 2.27
CA ALA A 238 -37.55 2.35 3.51
C ALA A 238 -37.30 3.60 4.35
N GLN A 239 -37.81 3.58 5.58
CA GLN A 239 -37.71 4.73 6.47
C GLN A 239 -36.54 4.55 7.45
N TYR A 240 -35.68 5.56 7.52
CA TYR A 240 -34.59 5.58 8.48
C TYR A 240 -33.46 4.62 8.14
N LEU A 241 -33.36 4.21 6.88
CA LEU A 241 -32.40 3.19 6.51
C LEU A 241 -30.96 3.69 6.59
N PHE A 242 -30.74 4.96 6.27
CA PHE A 242 -29.39 5.51 6.33
C PHE A 242 -28.89 5.54 7.76
N PRO A 243 -29.66 6.17 8.67
CA PRO A 243 -29.29 6.15 10.10
C PRO A 243 -29.08 4.72 10.63
N LYS A 244 -29.93 3.77 10.24
CA LYS A 244 -29.76 2.41 10.70
C LYS A 244 -28.39 1.83 10.28
N LEU A 245 -27.97 2.15 9.05
CA LEU A 245 -26.67 1.72 8.52
C LEU A 245 -25.48 2.35 9.24
N LEU A 246 -25.62 3.60 9.65
CA LEU A 246 -24.60 4.25 10.48
C LEU A 246 -24.50 3.58 11.84
N GLN A 247 -25.64 3.13 12.36
CA GLN A 247 -25.60 2.38 13.61
C GLN A 247 -24.86 1.05 13.42
N LYS A 248 -25.20 0.35 12.34
CA LYS A 248 -24.61 -0.96 12.05
C LYS A 248 -23.11 -0.85 11.97
N MET A 249 -22.62 0.24 11.36
CA MET A 249 -21.19 0.51 11.24
C MET A 249 -20.56 0.53 12.63
N ALA A 250 -21.29 1.09 13.60
CA ALA A 250 -20.82 1.15 14.98
C ALA A 250 -20.89 -0.23 15.65
N ASP A 251 -21.94 -0.98 15.33
CA ASP A 251 -22.06 -2.35 15.80
C ASP A 251 -20.87 -3.17 15.31
N LEU A 252 -20.47 -2.97 14.06
CA LEU A 252 -19.34 -3.70 13.47
C LEU A 252 -18.04 -3.41 14.23
N ARG A 253 -17.83 -2.14 14.57
CA ARG A 253 -16.62 -1.76 15.32
C ARG A 253 -16.56 -2.51 16.66
N GLN A 254 -17.70 -2.63 17.34
CA GLN A 254 -17.77 -3.41 18.57
C GLN A 254 -17.49 -4.88 18.29
N LEU A 255 -18.02 -5.37 17.16
CA LEU A 255 -17.80 -6.76 16.74
C LEU A 255 -16.32 -7.10 16.59
N VAL A 256 -15.60 -6.24 15.89
CA VAL A 256 -14.16 -6.43 15.65
C VAL A 256 -13.36 -6.38 16.96
N THR A 257 -13.72 -5.46 17.85
CA THR A 257 -13.11 -5.43 19.18
C THR A 257 -13.17 -6.78 19.91
N GLU A 258 -14.35 -7.38 19.91
CA GLU A 258 -14.54 -8.68 20.53
C GLU A 258 -13.80 -9.78 19.82
N HIS A 259 -13.81 -9.73 18.48
CA HIS A 259 -13.08 -10.70 17.66
C HIS A 259 -11.59 -10.64 17.97
N ALA A 260 -11.03 -9.44 17.99
CA ALA A 260 -9.62 -9.28 18.30
C ALA A 260 -9.30 -9.85 19.68
N GLN A 261 -10.24 -9.66 20.61
CA GLN A 261 -10.04 -10.16 21.96
C GLN A 261 -10.06 -11.69 22.01
N MET A 262 -10.99 -12.30 21.30
CA MET A 262 -11.09 -13.76 21.23
C MET A 262 -9.84 -14.34 20.60
N MET A 263 -9.33 -13.62 19.60
CA MET A 263 -8.15 -14.04 18.87
C MET A 263 -6.92 -13.87 19.78
N GLN A 264 -7.00 -12.92 20.69
CA GLN A 264 -5.94 -12.75 21.66
C GLN A 264 -5.90 -13.97 22.61
N ARG A 265 -7.06 -14.40 23.06
CA ARG A 265 -7.17 -15.60 23.89
C ARG A 265 -6.73 -16.87 23.18
N ILE A 266 -7.01 -16.97 21.88
CA ILE A 266 -6.61 -18.18 21.15
C ILE A 266 -5.10 -18.23 21.00
N LYS A 267 -4.50 -17.05 20.89
CA LYS A 267 -3.04 -16.96 20.76
C LYS A 267 -2.37 -17.35 22.07
N LYS A 268 -3.05 -17.06 23.18
CA LYS A 268 -2.49 -17.30 24.51
C LYS A 268 -2.72 -18.75 24.98
N THR A 269 -3.88 -19.33 24.67
CA THR A 269 -4.28 -20.60 25.27
C THR A 269 -4.24 -21.77 24.27
N GLU A 270 -4.18 -21.44 22.97
CA GLU A 270 -4.22 -22.47 21.92
C GLU A 270 -2.97 -22.45 21.06
N THR A 271 -1.84 -22.78 21.67
CA THR A 271 -0.54 -22.63 21.03
C THR A 271 -0.24 -23.53 19.85
N GLU A 272 -0.98 -24.64 19.71
CA GLU A 272 -0.77 -25.55 18.59
C GLU A 272 -1.45 -25.00 17.33
N THR A 273 -2.27 -23.99 17.52
CA THR A 273 -2.99 -23.38 16.41
C THR A 273 -2.14 -22.33 15.72
N SER A 274 -1.99 -22.50 14.41
CA SER A 274 -1.15 -21.61 13.60
C SER A 274 -1.90 -20.36 13.11
N LEU A 275 -1.45 -19.20 13.59
CA LEU A 275 -2.08 -17.93 13.29
C LEU A 275 -1.41 -17.27 12.10
N HIS A 276 -2.19 -16.93 11.10
CA HIS A 276 -1.66 -16.32 9.89
C HIS A 276 -1.03 -14.95 10.22
N PRO A 277 0.20 -14.71 9.71
CA PRO A 277 1.03 -13.51 9.96
C PRO A 277 0.34 -12.21 9.56
N LEU A 278 -0.44 -12.21 8.48
CA LEU A 278 -1.10 -10.99 8.05
C LEU A 278 -2.12 -10.58 9.11
N LEU A 279 -2.93 -11.53 9.56
CA LEU A 279 -3.93 -11.26 10.60
C LEU A 279 -3.24 -10.90 11.93
N GLN A 280 -2.12 -11.54 12.21
CA GLN A 280 -1.31 -11.12 13.37
C GLN A 280 -0.88 -9.64 13.31
N GLU A 281 -0.46 -9.16 12.12
CA GLU A 281 -0.17 -7.73 11.93
C GLU A 281 -1.36 -6.82 12.21
N ILE A 282 -2.55 -7.23 11.76
CA ILE A 282 -3.78 -6.47 12.00
C ILE A 282 -4.09 -6.32 13.49
N TYR A 283 -4.07 -7.43 14.22
CA TYR A 283 -4.34 -7.38 15.67
C TYR A 283 -3.25 -6.67 16.46
N LYS A 284 -2.04 -6.64 15.91
CA LYS A 284 -0.92 -6.05 16.63
C LYS A 284 -1.18 -4.57 16.85
N ASP A 285 -1.10 -4.15 18.10
CA ASP A 285 -1.43 -2.77 18.41
C ASP A 285 -2.78 -2.41 17.79
N MET A 286 -3.82 -3.16 18.16
CA MET A 286 -5.16 -2.73 17.87
C MET A 286 -5.75 -2.25 19.18
N ALA B 19 11.39 -17.06 -15.61
CA ALA B 19 11.20 -15.73 -16.16
C ALA B 19 12.22 -15.41 -17.26
N ASP B 20 11.76 -14.70 -18.29
CA ASP B 20 12.64 -14.20 -19.35
C ASP B 20 13.27 -12.88 -18.92
N LEU B 21 14.58 -12.89 -18.71
CA LEU B 21 15.27 -11.72 -18.19
C LEU B 21 15.20 -10.51 -19.12
N LYS B 22 15.53 -10.74 -20.40
CA LYS B 22 15.33 -9.72 -21.44
C LYS B 22 14.03 -8.94 -21.26
N ALA B 23 12.92 -9.68 -21.25
CA ALA B 23 11.58 -9.08 -21.22
C ALA B 23 11.26 -8.46 -19.87
N PHE B 24 11.85 -9.05 -18.82
CA PHE B 24 11.62 -8.62 -17.46
C PHE B 24 12.26 -7.25 -17.28
N SER B 25 13.49 -7.11 -17.81
CA SER B 25 14.22 -5.85 -17.79
C SER B 25 13.53 -4.76 -18.62
N LYS B 26 13.10 -5.12 -19.83
CA LYS B 26 12.45 -4.16 -20.71
C LYS B 26 11.20 -3.62 -20.03
N HIS B 27 10.48 -4.52 -19.36
CA HIS B 27 9.29 -4.15 -18.63
C HIS B 27 9.63 -3.10 -17.58
N ILE B 28 10.65 -3.39 -16.78
CA ILE B 28 11.06 -2.46 -15.72
C ILE B 28 11.62 -1.14 -16.26
N TYR B 29 12.21 -1.18 -17.45
CA TYR B 29 12.74 0.05 -18.05
C TYR B 29 11.58 0.94 -18.47
N ASN B 30 10.54 0.34 -19.05
CA ASN B 30 9.35 1.10 -19.41
C ASN B 30 8.66 1.69 -18.18
N ALA B 31 8.56 0.93 -17.08
CA ALA B 31 7.92 1.45 -15.86
C ALA B 31 8.69 2.65 -15.35
N TYR B 32 10.01 2.60 -15.52
CA TYR B 32 10.87 3.69 -15.07
C TYR B 32 10.64 4.91 -15.96
N LEU B 33 10.77 4.72 -17.27
CA LEU B 33 10.51 5.81 -18.23
C LEU B 33 9.15 6.46 -17.99
N LYS B 34 8.12 5.67 -17.67
CA LYS B 34 6.82 6.29 -17.55
C LYS B 34 6.46 6.77 -16.16
N ASN B 35 7.41 6.70 -15.22
CA ASN B 35 7.11 7.10 -13.86
C ASN B 35 8.00 8.21 -13.36
N PHE B 36 9.18 8.36 -13.98
CA PHE B 36 10.06 9.45 -13.62
C PHE B 36 10.19 10.42 -14.77
N ASN B 37 9.70 11.64 -14.55
CA ASN B 37 9.71 12.65 -15.60
C ASN B 37 11.14 13.01 -16.02
N MET B 38 12.01 13.17 -15.04
CA MET B 38 13.39 13.54 -15.32
C MET B 38 14.33 12.34 -15.35
N THR B 39 14.68 11.90 -16.55
CA THR B 39 15.63 10.81 -16.70
C THR B 39 17.05 11.33 -16.65
N LYS B 40 18.00 10.42 -16.76
CA LYS B 40 19.40 10.82 -16.86
C LYS B 40 19.64 11.36 -18.27
N LYS B 41 18.94 10.78 -19.24
CA LYS B 41 19.07 11.21 -20.62
C LYS B 41 18.65 12.68 -20.76
N LYS B 42 17.46 13.02 -20.27
CA LYS B 42 17.09 14.43 -20.27
C LYS B 42 18.09 15.29 -19.47
N ALA B 43 18.40 14.84 -18.26
CA ALA B 43 19.28 15.63 -17.40
C ALA B 43 20.65 15.90 -18.04
N ARG B 44 21.27 14.89 -18.65
CA ARG B 44 22.60 15.05 -19.24
C ARG B 44 22.57 15.99 -20.45
N SER B 45 21.48 15.94 -21.20
CA SER B 45 21.36 16.80 -22.38
C SER B 45 21.13 18.25 -21.96
N ILE B 46 20.46 18.46 -20.82
CA ILE B 46 20.26 19.80 -20.28
C ILE B 46 21.51 20.32 -19.63
N LEU B 47 22.25 19.41 -18.99
CA LEU B 47 23.48 19.79 -18.31
C LEU B 47 24.64 19.98 -19.29
N THR B 48 24.59 19.32 -20.45
CA THR B 48 25.68 19.43 -21.41
C THR B 48 25.49 20.59 -22.38
N GLY B 49 24.25 21.07 -22.49
CA GLY B 49 23.94 22.15 -23.41
C GLY B 49 23.68 21.64 -24.82
N LYS B 50 23.39 20.35 -24.94
CA LYS B 50 23.11 19.73 -26.23
C LYS B 50 21.61 19.60 -26.49
N ALA B 51 21.23 18.61 -27.28
CA ALA B 51 19.84 18.32 -27.58
C ALA B 51 19.00 19.58 -27.84
N SER B 52 17.71 19.50 -27.48
CA SER B 52 16.75 20.59 -27.65
C SER B 52 17.39 21.96 -27.53
N HIS B 53 17.30 22.54 -26.34
CA HIS B 53 17.90 23.84 -26.04
C HIS B 53 17.32 24.33 -24.72
N THR B 54 17.66 25.56 -24.32
CA THR B 54 17.12 26.20 -23.12
C THR B 54 17.88 25.87 -21.83
N ALA B 55 18.67 26.82 -21.35
CA ALA B 55 19.48 26.59 -20.16
C ALA B 55 18.70 26.90 -18.88
N PRO B 56 19.09 26.25 -17.78
CA PRO B 56 18.46 26.55 -16.50
C PRO B 56 18.95 27.87 -15.91
N PHE B 57 18.05 28.54 -15.22
CA PHE B 57 18.43 29.69 -14.42
C PHE B 57 19.29 29.18 -13.27
N VAL B 58 20.52 29.68 -13.17
CA VAL B 58 21.37 29.30 -12.05
C VAL B 58 20.94 30.03 -10.78
N ILE B 59 20.56 29.25 -9.77
CA ILE B 59 20.34 29.75 -8.42
C ILE B 59 21.63 29.59 -7.63
N HIS B 60 22.22 30.71 -7.21
CA HIS B 60 23.55 30.66 -6.57
C HIS B 60 23.71 31.60 -5.36
N ASP B 61 22.65 32.34 -5.06
CA ASP B 61 22.59 33.19 -3.87
C ASP B 61 21.13 33.58 -3.63
N ILE B 62 20.89 34.45 -2.64
CA ILE B 62 19.51 34.83 -2.28
C ILE B 62 18.83 35.60 -3.41
N GLU B 63 19.60 36.47 -4.05
CA GLU B 63 19.12 37.23 -5.20
C GLU B 63 18.55 36.28 -6.26
N THR B 64 19.43 35.50 -6.89
CA THR B 64 19.01 34.57 -7.93
C THR B 64 17.95 33.60 -7.41
N LEU B 65 18.05 33.21 -6.15
CA LEU B 65 17.03 32.33 -5.60
C LEU B 65 15.68 33.02 -5.65
N TRP B 66 15.61 34.22 -5.10
CA TRP B 66 14.36 34.97 -5.10
C TRP B 66 13.86 35.15 -6.53
N GLN B 67 14.77 35.49 -7.43
CA GLN B 67 14.44 35.67 -8.84
C GLN B 67 13.76 34.40 -9.36
N ALA B 68 14.31 33.25 -8.99
CA ALA B 68 13.85 31.96 -9.51
C ALA B 68 12.45 31.62 -9.05
N GLU B 69 12.18 31.87 -7.77
CA GLU B 69 10.85 31.62 -7.20
C GLU B 69 9.74 32.29 -8.00
N LYS B 70 10.04 33.45 -8.56
CA LYS B 70 9.08 34.19 -9.38
C LYS B 70 9.70 34.55 -10.72
N GLY B 71 9.84 33.57 -11.61
CA GLY B 71 10.40 33.83 -12.92
C GLY B 71 10.99 32.63 -13.63
N LEU B 72 10.19 32.03 -14.51
CA LEU B 72 10.62 30.87 -15.30
C LEU B 72 10.85 29.59 -14.47
N VAL B 73 11.52 29.72 -13.34
CA VAL B 73 11.74 28.58 -12.47
C VAL B 73 10.50 28.33 -11.63
N TRP B 74 10.20 27.05 -11.42
CA TRP B 74 8.99 26.62 -10.71
C TRP B 74 7.74 27.20 -11.35
N LYS B 75 6.99 27.98 -10.57
CA LYS B 75 5.77 28.61 -11.05
C LYS B 75 5.89 30.13 -10.99
N VAL B 78 4.47 28.53 -5.54
CA VAL B 78 3.79 27.43 -4.88
C VAL B 78 3.48 27.77 -3.42
N ASN B 79 2.20 27.96 -3.12
CA ASN B 79 1.77 28.07 -1.73
C ASN B 79 1.49 26.68 -1.18
N GLY B 80 1.88 25.67 -1.96
CA GLY B 80 1.92 24.30 -1.49
C GLY B 80 3.25 24.07 -0.79
N LEU B 81 3.67 25.11 -0.08
CA LEU B 81 4.94 25.10 0.65
C LEU B 81 4.66 25.74 2.01
N PRO B 82 5.27 25.19 3.07
CA PRO B 82 5.01 25.74 4.41
C PRO B 82 5.30 27.25 4.43
N PRO B 83 4.67 27.98 5.36
CA PRO B 83 4.91 29.42 5.49
C PRO B 83 6.40 29.78 5.50
N TYR B 84 6.75 30.80 4.75
CA TYR B 84 8.13 31.27 4.65
C TYR B 84 8.70 31.56 6.03
N LYS B 85 10.01 31.34 6.19
CA LYS B 85 10.68 31.54 7.47
C LYS B 85 12.01 32.24 7.26
N GLU B 86 12.79 31.71 6.32
CA GLU B 86 14.13 32.21 6.00
C GLU B 86 14.74 31.40 4.85
N ILE B 87 15.90 31.82 4.39
CA ILE B 87 16.49 31.28 3.17
C ILE B 87 16.92 29.80 3.31
N SER B 88 17.68 29.49 4.36
CA SER B 88 18.14 28.13 4.60
C SER B 88 16.98 27.16 4.73
N VAL B 89 15.93 27.57 5.43
CA VAL B 89 14.76 26.72 5.61
C VAL B 89 13.94 26.66 4.33
N HIS B 90 13.80 27.80 3.66
CA HIS B 90 13.14 27.81 2.35
C HIS B 90 13.67 26.75 1.37
N VAL B 91 14.98 26.56 1.35
CA VAL B 91 15.62 25.66 0.42
C VAL B 91 15.32 24.26 0.91
N PHE B 92 15.38 24.09 2.22
CA PHE B 92 15.01 22.84 2.83
C PHE B 92 13.58 22.45 2.42
N TYR B 93 12.67 23.42 2.46
CA TYR B 93 11.28 23.15 2.06
C TYR B 93 11.17 22.71 0.62
N ARG B 94 11.95 23.35 -0.25
CA ARG B 94 11.95 22.98 -1.65
C ARG B 94 12.50 21.56 -1.84
N CYS B 95 13.55 21.22 -1.09
CA CYS B 95 14.15 19.89 -1.18
C CYS B 95 13.18 18.84 -0.65
N GLN B 96 12.62 19.10 0.53
CA GLN B 96 11.62 18.24 1.13
C GLN B 96 10.44 18.00 0.21
N CYS B 97 9.98 19.05 -0.46
CA CYS B 97 8.88 18.90 -1.42
C CYS B 97 9.25 17.99 -2.61
N THR B 98 10.46 18.15 -3.12
CA THR B 98 10.90 17.31 -4.22
C THR B 98 11.04 15.83 -3.80
N THR B 99 11.58 15.62 -2.60
CA THR B 99 11.74 14.28 -2.01
C THR B 99 10.40 13.54 -1.93
N VAL B 100 9.42 14.15 -1.28
CA VAL B 100 8.07 13.60 -1.19
C VAL B 100 7.50 13.27 -2.57
N GLU B 101 7.73 14.15 -3.54
CA GLU B 101 7.25 13.88 -4.90
C GLU B 101 7.95 12.67 -5.53
N THR B 102 9.27 12.55 -5.33
CA THR B 102 10.00 11.41 -5.83
C THR B 102 9.54 10.11 -5.14
N VAL B 103 9.27 10.21 -3.84
CA VAL B 103 8.69 9.08 -3.10
C VAL B 103 7.38 8.59 -3.74
N ARG B 104 6.54 9.53 -4.18
CA ARG B 104 5.34 9.20 -4.93
C ARG B 104 5.68 8.45 -6.24
N GLU B 105 6.68 8.96 -6.96
CA GLU B 105 7.02 8.34 -8.24
C GLU B 105 7.53 6.91 -7.99
N LEU B 106 8.44 6.75 -7.03
CA LEU B 106 8.99 5.45 -6.66
C LEU B 106 7.89 4.48 -6.23
N THR B 107 6.85 4.99 -5.58
CA THR B 107 5.72 4.15 -5.20
C THR B 107 4.98 3.62 -6.44
N GLU B 108 4.81 4.47 -7.44
CA GLU B 108 4.17 4.04 -8.68
C GLU B 108 5.06 3.13 -9.54
N PHE B 109 6.35 3.42 -9.55
CA PHE B 109 7.31 2.61 -10.26
C PHE B 109 7.21 1.19 -9.68
N ALA B 110 7.34 1.10 -8.36
CA ALA B 110 7.31 -0.18 -7.66
C ALA B 110 6.04 -1.00 -7.93
N LYS B 111 4.88 -0.34 -7.91
CA LYS B 111 3.63 -1.04 -8.21
C LYS B 111 3.66 -1.70 -9.59
N SER B 112 4.59 -1.28 -10.46
CA SER B 112 4.71 -1.85 -11.79
C SER B 112 5.85 -2.87 -11.92
N ILE B 113 6.54 -3.17 -10.81
CA ILE B 113 7.59 -4.19 -10.83
C ILE B 113 6.93 -5.54 -10.65
N PRO B 114 7.09 -6.44 -11.64
CA PRO B 114 6.35 -7.72 -11.71
C PRO B 114 5.68 -8.17 -10.42
N SER B 115 6.40 -8.76 -9.49
CA SER B 115 5.69 -9.33 -8.36
C SER B 115 5.50 -8.39 -7.14
N PHE B 116 5.87 -7.12 -7.25
CA PHE B 116 5.70 -6.20 -6.11
C PHE B 116 4.24 -6.05 -5.64
N SER B 117 3.32 -5.83 -6.56
CA SER B 117 1.91 -5.64 -6.19
C SER B 117 1.26 -6.87 -5.60
N SER B 118 1.86 -8.04 -5.82
CA SER B 118 1.30 -9.26 -5.27
C SER B 118 1.54 -9.31 -3.76
N LEU B 119 2.56 -8.60 -3.29
CA LEU B 119 2.84 -8.54 -1.85
C LEU B 119 1.72 -7.81 -1.11
N PHE B 120 1.52 -8.12 0.16
CA PHE B 120 0.52 -7.36 0.92
C PHE B 120 1.01 -5.97 1.20
N LEU B 121 0.06 -5.06 1.38
CA LEU B 121 0.37 -3.67 1.52
C LEU B 121 1.41 -3.44 2.59
N ASN B 122 1.36 -4.22 3.68
CA ASN B 122 2.29 -3.98 4.78
C ASN B 122 3.74 -4.22 4.36
N ASP B 123 3.96 -5.22 3.52
CA ASP B 123 5.30 -5.48 3.01
C ASP B 123 5.68 -4.42 1.98
N GLN B 124 4.73 -4.04 1.14
CA GLN B 124 4.94 -2.96 0.19
C GLN B 124 5.43 -1.71 0.93
N VAL B 125 4.69 -1.31 1.96
CA VAL B 125 5.05 -0.18 2.79
C VAL B 125 6.43 -0.36 3.36
N THR B 126 6.68 -1.56 3.87
CA THR B 126 7.97 -1.83 4.49
C THR B 126 9.09 -1.64 3.47
N LEU B 127 8.91 -2.19 2.26
CA LEU B 127 9.97 -2.04 1.25
C LEU B 127 10.20 -0.57 0.90
N LEU B 128 9.13 0.19 0.69
CA LEU B 128 9.30 1.59 0.30
C LEU B 128 9.91 2.40 1.45
N LYS B 129 9.40 2.17 2.65
CA LYS B 129 9.93 2.86 3.84
C LYS B 129 11.46 2.80 3.93
N TYR B 130 12.04 1.62 3.80
CA TYR B 130 13.47 1.50 4.01
C TYR B 130 14.27 1.71 2.74
N GLY B 131 13.56 1.86 1.62
CA GLY B 131 14.22 1.85 0.32
C GLY B 131 14.14 3.11 -0.52
N VAL B 132 13.16 3.98 -0.25
CA VAL B 132 12.99 5.13 -1.12
C VAL B 132 14.17 6.07 -1.08
N HIS B 133 14.71 6.31 0.11
CA HIS B 133 15.85 7.22 0.18
C HIS B 133 17.11 6.72 -0.54
N GLU B 134 17.37 5.41 -0.48
CA GLU B 134 18.51 4.85 -1.19
C GLU B 134 18.29 5.05 -2.70
N ALA B 135 17.06 4.83 -3.13
CA ALA B 135 16.73 5.04 -4.53
C ALA B 135 16.83 6.53 -4.88
N ILE B 136 16.32 7.37 -3.99
CA ILE B 136 16.35 8.82 -4.24
C ILE B 136 17.81 9.29 -4.39
N PHE B 137 18.69 8.90 -3.49
CA PHE B 137 20.10 9.28 -3.61
C PHE B 137 20.78 8.71 -4.85
N ALA B 138 20.43 7.49 -5.25
CA ALA B 138 21.03 6.98 -6.49
C ALA B 138 20.59 7.83 -7.68
N MET B 139 19.30 8.17 -7.72
CA MET B 139 18.73 8.97 -8.84
C MET B 139 19.20 10.42 -8.85
N LEU B 140 19.43 10.97 -7.67
CA LEU B 140 20.03 12.28 -7.56
C LEU B 140 21.28 12.41 -8.43
N ALA B 141 22.03 11.32 -8.59
CA ALA B 141 23.29 11.41 -9.31
C ALA B 141 23.04 11.77 -10.75
N SER B 142 21.90 11.35 -11.29
CA SER B 142 21.55 11.68 -12.67
C SER B 142 21.48 13.19 -12.93
N ILE B 143 20.90 13.94 -11.99
CA ILE B 143 20.65 15.36 -12.18
C ILE B 143 21.72 16.28 -11.59
N VAL B 144 22.86 15.70 -11.22
CA VAL B 144 23.89 16.41 -10.46
C VAL B 144 25.20 16.42 -11.23
N ASN B 145 25.99 17.48 -11.05
CA ASN B 145 27.41 17.40 -11.38
C ASN B 145 28.24 18.00 -10.25
N LYS B 146 29.56 18.04 -10.43
CA LYS B 146 30.47 18.54 -9.42
C LYS B 146 30.07 19.91 -8.85
N ASP B 147 29.31 20.69 -9.62
CA ASP B 147 29.03 22.09 -9.28
C ASP B 147 27.58 22.42 -8.90
N GLY B 148 26.69 21.43 -8.97
CA GLY B 148 25.33 21.64 -8.48
C GLY B 148 24.34 20.63 -9.03
N LEU B 149 23.06 20.88 -8.82
CA LEU B 149 22.03 19.97 -9.33
C LEU B 149 20.86 20.68 -10.00
N LEU B 150 20.26 20.04 -11.00
CA LEU B 150 19.05 20.59 -11.63
C LEU B 150 17.89 20.57 -10.64
N VAL B 151 17.05 21.60 -10.72
CA VAL B 151 15.80 21.62 -9.96
C VAL B 151 14.67 22.06 -10.89
N ALA B 152 13.43 22.01 -10.39
CA ALA B 152 12.29 22.48 -11.16
C ALA B 152 12.33 21.84 -12.53
N ASN B 153 12.03 20.54 -12.53
CA ASN B 153 12.13 19.68 -13.71
C ASN B 153 13.13 20.13 -14.77
N GLY B 154 14.32 20.54 -14.33
CA GLY B 154 15.37 20.95 -15.24
C GLY B 154 15.39 22.44 -15.58
N SER B 155 14.37 23.20 -15.18
CA SER B 155 14.37 24.61 -15.57
C SER B 155 15.30 25.45 -14.70
N GLY B 156 15.84 24.84 -13.65
CA GLY B 156 16.81 25.50 -12.80
C GLY B 156 18.03 24.66 -12.48
N PHE B 157 19.05 25.33 -11.95
CA PHE B 157 20.28 24.70 -11.49
C PHE B 157 20.76 25.38 -10.23
N VAL B 158 20.66 24.69 -9.09
CA VAL B 158 21.17 25.22 -7.83
C VAL B 158 22.61 24.76 -7.60
N THR B 159 23.48 25.70 -7.26
CA THR B 159 24.90 25.39 -7.14
C THR B 159 25.26 24.80 -5.78
N ARG B 160 26.25 23.93 -5.80
CA ARG B 160 26.74 23.26 -4.61
C ARG B 160 27.38 24.24 -3.65
N GLU B 161 28.12 25.19 -4.20
CA GLU B 161 28.68 26.29 -3.41
C GLU B 161 27.56 26.97 -2.61
N PHE B 162 26.50 27.42 -3.31
CA PHE B 162 25.34 28.02 -2.66
C PHE B 162 24.78 27.15 -1.53
N LEU B 163 24.51 25.88 -1.83
CA LEU B 163 23.99 24.95 -0.82
C LEU B 163 24.89 24.91 0.41
N ARG B 164 26.20 24.91 0.17
CA ARG B 164 27.17 24.86 1.26
C ARG B 164 27.13 26.12 2.12
N SER B 165 26.57 27.21 1.57
CA SER B 165 26.60 28.52 2.23
C SER B 165 25.41 28.72 3.16
N LEU B 166 24.49 27.78 3.19
CA LEU B 166 23.33 27.91 4.03
C LEU B 166 23.69 27.81 5.50
N ARG B 167 22.79 28.33 6.32
CA ARG B 167 22.93 28.22 7.76
C ARG B 167 22.85 26.76 8.18
N LYS B 168 23.82 26.31 8.98
CA LYS B 168 23.74 25.00 9.61
C LYS B 168 22.45 24.88 10.39
N PRO B 169 21.90 23.65 10.46
CA PRO B 169 22.46 22.41 9.91
C PRO B 169 22.10 22.15 8.44
N PHE B 170 21.41 23.07 7.79
CA PHE B 170 20.86 22.76 6.47
C PHE B 170 21.92 22.63 5.40
N SER B 171 23.13 23.05 5.70
CA SER B 171 24.19 23.08 4.70
C SER B 171 24.97 21.77 4.72
N ASP B 172 24.65 20.91 5.67
CA ASP B 172 25.34 19.65 5.86
C ASP B 172 24.64 18.45 5.23
N ILE B 173 23.39 18.64 4.80
CA ILE B 173 22.57 17.52 4.35
C ILE B 173 22.96 16.96 2.99
N ILE B 174 23.06 17.84 1.99
CA ILE B 174 23.22 17.37 0.61
C ILE B 174 24.67 17.05 0.27
N GLU B 175 25.61 17.46 1.10
CA GLU B 175 27.02 17.38 0.72
C GLU B 175 27.49 15.94 0.48
N PRO B 176 27.17 15.01 1.40
CA PRO B 176 27.58 13.62 1.20
C PRO B 176 26.90 12.99 -0.01
N LYS B 177 25.79 13.55 -0.46
CA LYS B 177 25.11 13.04 -1.64
C LYS B 177 25.86 13.41 -2.93
N PHE B 178 26.38 14.64 -3.00
CA PHE B 178 27.29 14.99 -4.08
C PHE B 178 28.46 14.02 -4.17
N GLU B 179 29.12 13.79 -3.04
CA GLU B 179 30.29 12.92 -2.97
C GLU B 179 29.98 11.52 -3.50
N PHE B 180 28.91 10.91 -3.01
CA PHE B 180 28.43 9.64 -3.56
C PHE B 180 28.22 9.77 -5.07
N ALA B 181 27.59 10.88 -5.46
CA ALA B 181 27.14 11.06 -6.83
C ALA B 181 28.29 11.15 -7.83
N VAL B 182 29.37 11.79 -7.42
CA VAL B 182 30.48 11.98 -8.31
C VAL B 182 31.13 10.62 -8.61
N LYS B 183 31.38 9.84 -7.57
CA LYS B 183 31.89 8.47 -7.77
C LYS B 183 30.92 7.61 -8.60
N PHE B 184 29.64 7.66 -8.22
CA PHE B 184 28.62 6.88 -8.91
C PHE B 184 28.48 7.20 -10.40
N ASN B 185 28.61 8.47 -10.78
CA ASN B 185 28.42 8.89 -12.17
C ASN B 185 29.53 8.49 -13.11
N ALA B 186 30.68 8.12 -12.54
CA ALA B 186 31.84 7.75 -13.34
C ALA B 186 31.67 6.33 -13.84
N LEU B 187 30.66 5.65 -13.30
CA LEU B 187 30.31 4.30 -13.76
C LEU B 187 29.55 4.39 -15.07
N GLU B 188 29.12 5.60 -15.40
CA GLU B 188 28.43 5.88 -16.65
C GLU B 188 27.29 4.91 -16.93
N LEU B 189 26.43 4.69 -15.94
CA LEU B 189 25.20 3.92 -16.19
C LEU B 189 24.22 4.77 -17.02
N ASP B 190 23.35 4.10 -17.78
CA ASP B 190 22.24 4.78 -18.43
C ASP B 190 20.91 4.43 -17.76
N ASP B 191 19.82 4.98 -18.28
CA ASP B 191 18.50 4.76 -17.69
C ASP B 191 18.08 3.28 -17.61
N SER B 192 18.28 2.53 -18.69
CA SER B 192 18.00 1.09 -18.69
C SER B 192 18.73 0.40 -17.53
N ASP B 193 19.98 0.74 -17.31
CA ASP B 193 20.70 0.23 -16.17
C ASP B 193 20.02 0.65 -14.88
N LEU B 194 19.86 1.96 -14.74
CA LEU B 194 19.28 2.57 -13.55
C LEU B 194 17.94 1.95 -13.15
N ALA B 195 17.09 1.66 -14.14
CA ALA B 195 15.76 1.11 -13.82
C ALA B 195 15.86 -0.18 -13.05
N LEU B 196 16.82 -1.05 -13.43
CA LEU B 196 17.00 -2.35 -12.77
C LEU B 196 17.66 -2.16 -11.41
N PHE B 197 18.55 -1.18 -11.35
CA PHE B 197 19.30 -0.93 -10.13
C PHE B 197 18.33 -0.39 -9.08
N ILE B 198 17.46 0.55 -9.49
CA ILE B 198 16.45 1.09 -8.57
C ILE B 198 15.49 -0.02 -8.10
N ALA B 199 15.05 -0.85 -9.01
CA ALA B 199 14.16 -1.95 -8.64
C ALA B 199 14.82 -2.87 -7.60
N ALA B 200 16.12 -3.08 -7.75
CA ALA B 200 16.87 -3.99 -6.89
C ALA B 200 17.00 -3.38 -5.50
N ILE B 201 17.12 -2.06 -5.46
CA ILE B 201 17.19 -1.37 -4.20
C ILE B 201 15.89 -1.55 -3.42
N ILE B 202 14.78 -1.46 -4.13
CA ILE B 202 13.49 -1.50 -3.44
C ILE B 202 13.10 -2.91 -3.00
N LEU B 203 13.45 -3.91 -3.83
CA LEU B 203 13.00 -5.29 -3.56
C LEU B 203 14.07 -5.97 -2.71
N CYS B 204 14.21 -5.52 -1.48
CA CYS B 204 15.34 -5.95 -0.68
C CYS B 204 14.87 -6.85 0.45
N GLY B 205 15.40 -8.08 0.49
CA GLY B 205 14.92 -9.08 1.44
C GLY B 205 15.31 -8.85 2.89
N ASP B 206 16.12 -7.82 3.13
CA ASP B 206 16.69 -7.55 4.44
C ASP B 206 15.98 -6.50 5.29
N ARG B 207 14.94 -5.85 4.78
CA ARG B 207 14.31 -4.78 5.55
C ARG B 207 13.66 -5.31 6.83
N PRO B 208 13.85 -4.59 7.94
CA PRO B 208 13.25 -4.98 9.22
C PRO B 208 11.72 -5.10 9.10
N GLY B 209 11.13 -6.10 9.73
CA GLY B 209 9.70 -6.21 9.82
C GLY B 209 9.05 -6.79 8.59
N LEU B 210 9.85 -7.28 7.66
CA LEU B 210 9.32 -7.95 6.48
C LEU B 210 8.52 -9.18 6.86
N MET B 211 7.30 -9.30 6.33
CA MET B 211 6.45 -10.45 6.63
C MET B 211 6.76 -11.63 5.70
N ASN B 212 6.70 -11.40 4.39
CA ASN B 212 7.03 -12.47 3.47
C ASN B 212 8.43 -12.36 2.85
N VAL B 213 9.44 -12.59 3.68
CA VAL B 213 10.83 -12.54 3.27
C VAL B 213 11.16 -13.46 2.09
N PRO B 214 10.64 -14.69 2.09
CA PRO B 214 10.97 -15.60 0.98
C PRO B 214 10.53 -15.06 -0.36
N ARG B 215 9.29 -14.61 -0.43
CA ARG B 215 8.78 -14.02 -1.65
C ARG B 215 9.64 -12.82 -2.10
N VAL B 216 10.00 -11.93 -1.17
CA VAL B 216 10.84 -10.78 -1.54
C VAL B 216 12.23 -11.22 -2.01
N GLU B 217 12.84 -12.15 -1.28
CA GLU B 217 14.13 -12.74 -1.67
C GLU B 217 14.07 -13.26 -3.09
N ALA B 218 12.96 -13.91 -3.44
CA ALA B 218 12.82 -14.49 -4.78
C ALA B 218 12.70 -13.40 -5.86
N ILE B 219 11.89 -12.38 -5.60
CA ILE B 219 11.81 -11.26 -6.56
C ILE B 219 13.17 -10.55 -6.70
N GLN B 220 13.80 -10.28 -5.57
CA GLN B 220 15.11 -9.65 -5.57
C GLN B 220 16.06 -10.45 -6.46
N ASP B 221 16.09 -11.77 -6.28
CA ASP B 221 17.04 -12.58 -7.01
C ASP B 221 16.82 -12.51 -8.53
N THR B 222 15.58 -12.64 -8.96
CA THR B 222 15.28 -12.38 -10.38
C THR B 222 15.83 -11.03 -10.84
N ILE B 223 15.52 -9.96 -10.10
CA ILE B 223 16.01 -8.61 -10.48
C ILE B 223 17.53 -8.60 -10.60
N LEU B 224 18.20 -9.12 -9.58
CA LEU B 224 19.67 -9.20 -9.62
C LEU B 224 20.22 -10.01 -10.82
N ARG B 225 19.55 -11.10 -11.16
CA ARG B 225 19.91 -11.82 -12.37
C ARG B 225 19.62 -10.98 -13.63
N ALA B 226 18.50 -10.25 -13.61
CA ALA B 226 18.19 -9.37 -14.74
C ALA B 226 19.30 -8.36 -14.88
N LEU B 227 19.65 -7.72 -13.76
CA LEU B 227 20.69 -6.70 -13.76
C LEU B 227 21.95 -7.24 -14.41
N GLU B 228 22.51 -8.32 -13.84
CA GLU B 228 23.73 -8.92 -14.41
C GLU B 228 23.60 -9.23 -15.89
N PHE B 229 22.57 -9.99 -16.25
CA PHE B 229 22.28 -10.25 -17.65
C PHE B 229 22.26 -8.93 -18.47
N HIS B 230 21.52 -7.94 -17.98
CA HIS B 230 21.50 -6.63 -18.66
C HIS B 230 22.87 -5.98 -18.81
N LEU B 231 23.67 -6.00 -17.74
CA LEU B 231 24.99 -5.35 -17.74
C LEU B 231 25.93 -5.93 -18.78
N GLN B 232 25.96 -7.25 -18.91
CA GLN B 232 26.84 -7.90 -19.88
C GLN B 232 26.53 -7.39 -21.29
N ALA B 233 25.24 -7.26 -21.59
CA ALA B 233 24.80 -6.82 -22.89
C ALA B 233 25.04 -5.34 -23.09
N ASN B 234 24.65 -4.53 -22.11
CA ASN B 234 24.75 -3.08 -22.28
C ASN B 234 26.18 -2.58 -22.10
N HIS B 235 26.95 -3.22 -21.22
CA HIS B 235 28.31 -2.77 -20.91
C HIS B 235 29.36 -3.88 -21.08
N PRO B 236 29.59 -4.36 -22.31
CA PRO B 236 30.42 -5.57 -22.50
C PRO B 236 31.88 -5.44 -22.04
N ASP B 237 32.49 -4.28 -22.25
CA ASP B 237 33.87 -4.08 -21.83
C ASP B 237 33.92 -3.68 -20.37
N ALA B 238 32.76 -3.50 -19.76
CA ALA B 238 32.68 -2.99 -18.40
C ALA B 238 32.70 -4.11 -17.39
N GLN B 239 33.89 -4.60 -17.07
CA GLN B 239 34.00 -5.68 -16.10
C GLN B 239 34.06 -5.21 -14.64
N TYR B 240 33.58 -6.08 -13.76
CA TYR B 240 33.43 -5.77 -12.34
C TYR B 240 32.28 -4.79 -12.09
N LEU B 241 31.54 -4.45 -13.15
CA LEU B 241 30.44 -3.48 -13.00
C LEU B 241 29.35 -4.01 -12.09
N PHE B 242 28.97 -5.27 -12.26
CA PHE B 242 27.92 -5.87 -11.43
C PHE B 242 28.26 -5.85 -9.94
N PRO B 243 29.37 -6.49 -9.55
CA PRO B 243 29.83 -6.44 -8.15
C PRO B 243 30.00 -5.00 -7.60
N LYS B 244 30.37 -4.05 -8.46
CA LYS B 244 30.52 -2.67 -8.03
C LYS B 244 29.17 -2.10 -7.61
N LEU B 245 28.14 -2.42 -8.39
CA LEU B 245 26.77 -1.95 -8.13
C LEU B 245 26.22 -2.49 -6.82
N LEU B 246 26.46 -3.77 -6.54
CA LEU B 246 26.09 -4.34 -5.25
C LEU B 246 26.82 -3.62 -4.11
N GLN B 247 28.01 -3.11 -4.36
CA GLN B 247 28.69 -2.34 -3.32
C GLN B 247 28.02 -0.97 -3.12
N LYS B 248 27.67 -0.32 -4.21
CA LYS B 248 26.96 0.95 -4.14
C LYS B 248 25.68 0.83 -3.32
N MET B 249 24.97 -0.28 -3.46
CA MET B 249 23.75 -0.49 -2.67
C MET B 249 24.11 -0.49 -1.21
N ALA B 250 25.21 -1.15 -0.88
CA ALA B 250 25.66 -1.19 0.51
C ALA B 250 26.01 0.22 0.98
N ASP B 251 26.68 0.99 0.12
CA ASP B 251 27.05 2.38 0.42
C ASP B 251 25.80 3.24 0.65
N LEU B 252 24.82 3.08 -0.21
CA LEU B 252 23.57 3.81 -0.11
C LEU B 252 22.87 3.54 1.21
N ARG B 253 22.90 2.28 1.67
CA ARG B 253 22.21 1.93 2.91
C ARG B 253 22.76 2.75 4.07
N GLN B 254 24.08 2.97 4.02
CA GLN B 254 24.76 3.76 5.04
C GLN B 254 24.51 5.27 4.90
N LEU B 255 24.42 5.75 3.67
CA LEU B 255 24.11 7.17 3.46
C LEU B 255 22.74 7.46 4.06
N VAL B 256 21.85 6.49 3.92
CA VAL B 256 20.49 6.69 4.40
C VAL B 256 20.51 6.73 5.93
N THR B 257 21.25 5.81 6.56
CA THR B 257 21.39 5.84 8.01
C THR B 257 21.76 7.24 8.49
N GLU B 258 22.80 7.80 7.88
CA GLU B 258 23.33 9.10 8.30
C GLU B 258 22.32 10.20 8.03
N HIS B 259 21.68 10.16 6.87
CA HIS B 259 20.64 11.13 6.54
C HIS B 259 19.54 11.17 7.61
N ALA B 260 19.04 9.99 7.96
CA ALA B 260 18.01 9.82 8.99
C ALA B 260 18.43 10.41 10.35
N GLN B 261 19.68 10.18 10.72
CA GLN B 261 20.21 10.78 11.95
C GLN B 261 20.22 12.30 11.88
N MET B 262 20.72 12.84 10.76
CA MET B 262 20.74 14.27 10.54
C MET B 262 19.37 14.86 10.70
N MET B 263 18.36 14.15 10.18
CA MET B 263 17.02 14.70 10.11
C MET B 263 16.37 14.59 11.46
N GLN B 264 16.91 13.71 12.30
CA GLN B 264 16.41 13.56 13.66
C GLN B 264 16.89 14.74 14.50
N ARG B 265 18.14 15.14 14.28
CA ARG B 265 18.72 16.27 14.99
C ARG B 265 17.95 17.52 14.64
N ILE B 266 17.72 17.71 13.35
CA ILE B 266 16.98 18.84 12.84
C ILE B 266 15.57 18.89 13.45
N LYS B 267 14.96 17.74 13.63
CA LYS B 267 13.68 17.66 14.30
C LYS B 267 13.76 18.18 15.73
N LYS B 268 14.89 17.91 16.38
CA LYS B 268 15.09 18.22 17.79
C LYS B 268 15.47 19.68 18.03
N THR B 269 16.30 20.25 17.16
CA THR B 269 16.81 21.59 17.39
C THR B 269 16.12 22.67 16.54
N GLU B 270 15.75 22.34 15.32
CA GLU B 270 15.14 23.33 14.44
C GLU B 270 13.62 23.26 14.48
N THR B 271 13.08 23.43 15.68
CA THR B 271 11.63 23.29 15.93
C THR B 271 10.73 24.20 15.08
N GLU B 272 11.31 25.27 14.53
CA GLU B 272 10.55 26.16 13.66
C GLU B 272 10.36 25.57 12.26
N THR B 273 11.09 24.49 11.97
CA THR B 273 11.05 23.88 10.64
C THR B 273 9.95 22.81 10.53
N SER B 274 9.16 22.90 9.46
CA SER B 274 8.05 22.00 9.23
C SER B 274 8.49 20.71 8.54
N LEU B 275 8.44 19.59 9.26
CA LEU B 275 8.86 18.30 8.69
C LEU B 275 7.65 17.53 8.15
N HIS B 276 7.65 17.26 6.86
CA HIS B 276 6.59 16.49 6.26
C HIS B 276 6.34 15.19 7.06
N PRO B 277 5.06 14.91 7.37
CA PRO B 277 4.72 13.74 8.18
C PRO B 277 5.08 12.41 7.51
N LEU B 278 5.07 12.37 6.17
CA LEU B 278 5.40 11.13 5.50
C LEU B 278 6.88 10.83 5.68
N LEU B 279 7.74 11.84 5.61
CA LEU B 279 9.15 11.59 5.87
C LEU B 279 9.37 11.28 7.34
N GLN B 280 8.48 11.77 8.19
CA GLN B 280 8.56 11.43 9.63
C GLN B 280 8.24 9.95 9.88
N GLU B 281 7.25 9.43 9.16
CA GLU B 281 6.92 8.01 9.24
C GLU B 281 8.10 7.15 8.84
N ILE B 282 8.67 7.47 7.68
CA ILE B 282 9.86 6.81 7.17
C ILE B 282 10.99 6.75 8.22
N TYR B 283 11.24 7.84 8.93
CA TYR B 283 12.38 7.88 9.86
C TYR B 283 12.06 7.20 11.18
N LYS B 284 10.78 7.16 11.54
CA LYS B 284 10.32 6.49 12.75
C LYS B 284 10.94 5.09 12.82
N ASP B 285 11.58 4.76 13.94
CA ASP B 285 12.14 3.42 14.12
C ASP B 285 13.48 3.23 13.41
N MET B 286 13.94 4.25 12.69
CA MET B 286 15.30 4.18 12.18
C MET B 286 16.27 4.57 13.30
N TYR B 287 17.48 4.01 13.29
CA TYR B 287 18.51 4.38 14.27
C TYR B 287 19.91 4.22 13.68
#